data_6VYJ
#
_entry.id   6VYJ
#
_cell.length_a   40.280
_cell.length_b   55.350
_cell.length_c   66.260
_cell.angle_alpha   90.000
_cell.angle_beta   90.000
_cell.angle_gamma   90.000
#
_symmetry.space_group_name_H-M   'P 21 21 21'
#
loop_
_entity.id
_entity.type
_entity.pdbx_description
1 polymer 'E3 ubiquitin-protein ligase UHRF1'
2 non-polymer 2,4-dimethylpyridine
3 non-polymer beta-D-glucopyranose
4 water water
#
_entity_poly.entity_id   1
_entity_poly.type   'polypeptide(L)'
_entity_poly.pdbx_seq_one_letter_code
;SNADEDMWDETELGLYKVNEYVDARDTNMGAWFEAQVVRVTRKAPSRDEPCSSTSRPALEEDVIYHVKYDDYPENGVVQM
NSRDVRARARTIIKWQDLEVGQVVMLNYNPDNPKERGFWYDAEISRKRETRTARELYANVVLGDDSLNDCRIIFVDEVFK
IERP
;
_entity_poly.pdbx_strand_id   A
#
loop_
_chem_comp.id
_chem_comp.type
_chem_comp.name
_chem_comp.formula
BGC D-saccharide, beta linking beta-D-glucopyranose 'C6 H12 O6'
RVV non-polymer 2,4-dimethylpyridine 'C7 H9 N'
#
# COMPACT_ATOMS: atom_id res chain seq x y z
N ASP A 6 1.12 17.03 21.87
CA ASP A 6 0.62 17.85 20.77
C ASP A 6 1.29 17.41 19.45
N MET A 7 0.58 17.60 18.35
CA MET A 7 1.10 17.31 17.02
C MET A 7 1.77 18.57 16.50
N TRP A 8 3.01 18.46 16.04
CA TRP A 8 3.71 19.57 15.41
C TRP A 8 3.78 19.37 13.91
N ASP A 9 3.48 20.41 13.15
CA ASP A 9 3.65 20.35 11.71
C ASP A 9 5.11 20.21 11.34
N GLU A 10 5.38 19.35 10.35
CA GLU A 10 6.73 18.98 9.97
C GLU A 10 6.90 19.21 8.48
N THR A 11 7.92 19.98 8.10
CA THR A 11 8.15 20.31 6.70
C THR A 11 9.37 19.66 6.09
N GLU A 12 10.28 19.10 6.89
CA GLU A 12 11.53 18.57 6.37
C GLU A 12 11.59 17.06 6.31
N LEU A 13 11.08 16.36 7.32
CA LEU A 13 11.30 14.92 7.41
C LEU A 13 10.44 14.12 6.44
N GLY A 14 9.28 14.64 6.05
CA GLY A 14 8.38 13.83 5.23
C GLY A 14 8.99 13.51 3.87
N LEU A 15 8.79 12.26 3.42
CA LEU A 15 9.09 11.93 2.03
C LEU A 15 8.03 12.52 1.09
N TYR A 16 6.80 12.61 1.57
CA TYR A 16 5.67 13.13 0.83
C TYR A 16 5.23 14.45 1.46
N LYS A 17 4.66 15.31 0.63
CA LYS A 17 4.42 16.69 1.02
C LYS A 17 2.94 17.04 0.91
N VAL A 18 2.56 18.13 1.58
CA VAL A 18 1.19 18.60 1.51
C VAL A 18 0.80 18.84 0.07
N ASN A 19 -0.39 18.34 -0.29
CA ASN A 19 -1.05 18.43 -1.58
C ASN A 19 -0.67 17.28 -2.51
N GLU A 20 0.38 16.52 -2.18
CA GLU A 20 0.80 15.43 -3.05
C GLU A 20 -0.13 14.25 -2.90
N TYR A 21 -0.33 13.55 -4.01
CA TYR A 21 -1.13 12.35 -4.05
C TYR A 21 -0.25 11.14 -3.84
N VAL A 22 -0.79 10.19 -3.11
CA VAL A 22 -0.09 8.99 -2.69
C VAL A 22 -1.06 7.83 -2.77
N ASP A 23 -0.53 6.63 -2.59
CA ASP A 23 -1.37 5.50 -2.21
C ASP A 23 -1.28 5.37 -0.69
N ALA A 24 -2.42 5.15 -0.06
CA ALA A 24 -2.49 5.01 1.38
C ALA A 24 -3.24 3.73 1.73
N ARG A 25 -2.75 3.06 2.77
CA ARG A 25 -3.26 1.75 3.15
C ARG A 25 -4.30 1.91 4.24
N ASP A 26 -5.51 1.48 3.97
CA ASP A 26 -6.62 1.65 4.89
C ASP A 26 -6.41 0.83 6.14
N THR A 27 -6.55 1.46 7.30
CA THR A 27 -6.28 0.78 8.57
C THR A 27 -7.24 -0.37 8.83
N ASN A 28 -8.46 -0.30 8.30
CA ASN A 28 -9.44 -1.31 8.67
C ASN A 28 -9.35 -2.59 7.85
N MET A 29 -8.94 -2.51 6.58
CA MET A 29 -8.97 -3.73 5.77
C MET A 29 -7.71 -3.96 4.94
N GLY A 30 -6.71 -3.10 5.00
CA GLY A 30 -5.38 -3.42 4.50
C GLY A 30 -5.12 -3.14 3.03
N ALA A 31 -6.09 -2.62 2.31
CA ALA A 31 -5.89 -2.33 0.90
C ALA A 31 -5.46 -0.89 0.70
N TRP A 32 -4.88 -0.64 -0.47
CA TRP A 32 -4.31 0.65 -0.85
C TRP A 32 -5.30 1.45 -1.70
N PHE A 33 -5.46 2.73 -1.37
CA PHE A 33 -6.32 3.64 -2.10
C PHE A 33 -5.62 4.97 -2.30
N GLU A 34 -5.90 5.61 -3.43
CA GLU A 34 -5.33 6.91 -3.72
C GLU A 34 -5.84 7.95 -2.74
N ALA A 35 -4.92 8.82 -2.32
CA ALA A 35 -5.24 9.80 -1.30
C ALA A 35 -4.35 11.01 -1.50
N GLN A 36 -4.77 12.14 -0.94
CA GLN A 36 -3.98 13.36 -0.94
C GLN A 36 -3.48 13.62 0.46
N VAL A 37 -2.20 13.96 0.56
CA VAL A 37 -1.63 14.40 1.83
C VAL A 37 -2.10 15.81 2.10
N VAL A 38 -2.69 16.01 3.26
CA VAL A 38 -3.14 17.34 3.67
C VAL A 38 -2.34 17.91 4.82
N ARG A 39 -1.61 17.09 5.57
CA ARG A 39 -0.82 17.54 6.70
C ARG A 39 0.20 16.46 7.00
N VAL A 40 1.37 16.88 7.48
CA VAL A 40 2.46 16.03 7.91
C VAL A 40 2.90 16.51 9.29
N THR A 41 2.96 15.59 10.25
CA THR A 41 3.27 16.01 11.61
C THR A 41 4.27 15.05 12.23
N ARG A 42 4.84 15.51 13.33
CA ARG A 42 5.66 14.70 14.20
C ARG A 42 5.20 14.95 15.63
N LYS A 43 5.57 14.06 16.54
CA LYS A 43 5.31 14.32 17.95
C LYS A 43 6.22 15.43 18.44
N ALA A 44 5.69 16.24 19.35
CA ALA A 44 6.47 17.34 19.89
C ALA A 44 7.76 16.85 20.53
N PRO A 45 8.90 17.50 20.27
CA PRO A 45 10.12 17.19 21.01
C PRO A 45 10.03 17.68 22.44
N SER A 46 10.87 17.12 23.29
CA SER A 46 11.02 17.60 24.65
C SER A 46 11.52 19.04 24.64
N ARG A 47 11.21 19.78 25.70
CA ARG A 47 11.70 21.15 25.83
C ARG A 47 13.22 21.21 25.74
N ASP A 48 13.90 20.20 26.27
CA ASP A 48 15.36 20.22 26.34
C ASP A 48 15.99 19.30 25.31
N GLU A 49 15.24 18.91 24.28
CA GLU A 49 15.78 18.07 23.25
C GLU A 49 15.65 18.73 21.89
N PRO A 50 16.63 18.56 21.02
CA PRO A 50 16.54 19.12 19.67
C PRO A 50 15.57 18.34 18.81
N CYS A 51 15.07 19.02 17.78
CA CYS A 51 14.20 18.30 16.84
C CYS A 51 14.89 17.07 16.25
N SER A 52 16.19 17.20 15.99
CA SER A 52 16.95 16.11 15.44
C SER A 52 18.26 15.94 16.18
N ASP A 62 9.87 9.69 13.17
CA ASP A 62 8.98 9.14 12.18
C ASP A 62 7.66 9.92 12.02
N VAL A 63 7.37 10.36 10.79
CA VAL A 63 6.29 11.32 10.62
C VAL A 63 4.95 10.58 10.54
N ILE A 64 3.88 11.31 10.86
CA ILE A 64 2.51 10.87 10.64
C ILE A 64 1.94 11.66 9.48
N TYR A 65 1.41 10.95 8.51
CA TYR A 65 0.77 11.59 7.39
C TYR A 65 -0.71 11.69 7.66
N HIS A 66 -1.31 12.79 7.24
CA HIS A 66 -2.74 13.00 7.38
C HIS A 66 -3.28 13.12 5.97
N VAL A 67 -4.15 12.21 5.59
CA VAL A 67 -4.56 12.08 4.20
C VAL A 67 -6.09 12.08 4.08
N LYS A 68 -6.54 12.39 2.87
CA LYS A 68 -7.95 12.31 2.51
C LYS A 68 -8.05 11.45 1.25
N TYR A 69 -8.84 10.39 1.32
CA TYR A 69 -8.94 9.48 0.18
C TYR A 69 -9.71 10.12 -0.95
N ASP A 70 -9.18 9.99 -2.17
N ASP A 70 -9.16 10.00 -2.16
CA ASP A 70 -9.78 10.62 -3.34
CA ASP A 70 -9.76 10.58 -3.36
C ASP A 70 -11.20 10.14 -3.57
C ASP A 70 -11.21 10.14 -3.52
N ASP A 71 -11.46 8.85 -3.39
CA ASP A 71 -12.78 8.28 -3.68
C ASP A 71 -13.64 8.09 -2.44
N TYR A 72 -13.14 8.43 -1.26
CA TYR A 72 -13.88 8.25 -0.01
C TYR A 72 -13.70 9.48 0.83
N PRO A 73 -14.07 10.65 0.29
CA PRO A 73 -13.93 11.87 1.07
C PRO A 73 -14.77 11.88 2.32
N GLU A 74 -15.85 11.08 2.35
CA GLU A 74 -16.73 11.00 3.51
C GLU A 74 -16.01 10.45 4.73
N ASN A 75 -14.88 9.74 4.54
CA ASN A 75 -14.10 9.26 5.67
C ASN A 75 -13.32 10.38 6.33
N GLY A 76 -13.20 11.51 5.69
CA GLY A 76 -12.49 12.64 6.27
C GLY A 76 -10.99 12.46 6.21
N VAL A 77 -10.32 13.31 6.98
CA VAL A 77 -8.86 13.29 7.09
C VAL A 77 -8.49 12.18 8.07
N VAL A 78 -7.59 11.30 7.66
CA VAL A 78 -7.20 10.14 8.46
C VAL A 78 -5.70 10.15 8.66
N GLN A 79 -5.27 9.74 9.86
CA GLN A 79 -3.86 9.70 10.21
C GLN A 79 -3.25 8.38 9.81
N MET A 80 -2.12 8.44 9.14
N MET A 80 -2.11 8.44 9.14
CA MET A 80 -1.44 7.27 8.62
CA MET A 80 -1.46 7.25 8.60
C MET A 80 -0.04 7.17 9.19
C MET A 80 -0.03 7.15 9.09
N ASN A 81 0.34 5.95 9.53
CA ASN A 81 1.74 5.65 9.79
C ASN A 81 2.51 5.81 8.49
N SER A 82 3.78 6.17 8.59
CA SER A 82 4.61 6.31 7.41
C SER A 82 4.72 5.01 6.59
N ARG A 83 4.56 3.84 7.21
CA ARG A 83 4.60 2.59 6.46
C ARG A 83 3.36 2.38 5.60
N ASP A 84 2.33 3.17 5.79
CA ASP A 84 1.05 3.02 5.12
C ASP A 84 0.83 4.09 4.07
N VAL A 85 1.88 4.80 3.66
CA VAL A 85 1.81 5.82 2.62
C VAL A 85 2.98 5.60 1.69
N ARG A 86 2.73 5.66 0.38
CA ARG A 86 3.82 5.56 -0.58
C ARG A 86 3.41 6.19 -1.90
N ALA A 87 4.41 6.41 -2.74
CA ALA A 87 4.14 6.96 -4.06
C ALA A 87 3.19 6.05 -4.83
N ARG A 88 2.38 6.65 -5.69
CA ARG A 88 1.35 5.91 -6.41
C ARG A 88 1.96 4.85 -7.32
N ALA A 89 1.38 3.64 -7.27
CA ALA A 89 1.80 2.56 -8.14
C ALA A 89 1.63 2.93 -9.61
N ARG A 90 2.60 2.54 -10.44
CA ARG A 90 2.62 3.03 -11.80
C ARG A 90 3.20 2.07 -12.83
N THR A 91 3.84 0.99 -12.40
CA THR A 91 4.52 0.08 -13.32
C THR A 91 4.08 -1.34 -13.05
N ILE A 92 3.56 -1.99 -14.08
CA ILE A 92 3.20 -3.40 -13.95
C ILE A 92 4.45 -4.25 -14.18
N ILE A 93 4.60 -5.30 -13.37
CA ILE A 93 5.54 -6.37 -13.64
C ILE A 93 4.82 -7.40 -14.50
N LYS A 94 5.22 -7.51 -15.75
CA LYS A 94 4.55 -8.43 -16.66
C LYS A 94 4.70 -9.86 -16.18
N TRP A 95 3.76 -10.70 -16.59
CA TRP A 95 3.77 -12.12 -16.23
C TRP A 95 5.16 -12.77 -16.34
N GLN A 96 5.86 -12.56 -17.46
CA GLN A 96 7.14 -13.19 -17.72
C GLN A 96 8.19 -12.83 -16.68
N ASP A 97 8.04 -11.69 -16.02
CA ASP A 97 9.03 -11.21 -15.08
C ASP A 97 8.68 -11.47 -13.62
N LEU A 98 7.49 -12.00 -13.32
CA LEU A 98 7.12 -12.31 -11.94
C LEU A 98 7.88 -13.54 -11.44
N GLU A 99 8.17 -13.57 -10.14
CA GLU A 99 8.83 -14.74 -9.58
C GLU A 99 8.53 -14.84 -8.11
N VAL A 100 8.69 -16.06 -7.58
CA VAL A 100 8.48 -16.31 -6.17
C VAL A 100 9.39 -15.42 -5.36
N GLY A 101 8.82 -14.86 -4.32
CA GLY A 101 9.56 -14.02 -3.40
C GLY A 101 9.47 -12.56 -3.67
N GLN A 102 8.99 -12.14 -4.85
CA GLN A 102 8.76 -10.74 -5.12
C GLN A 102 7.66 -10.25 -4.19
N VAL A 103 7.81 -9.02 -3.72
CA VAL A 103 6.77 -8.34 -2.94
C VAL A 103 6.21 -7.24 -3.82
N VAL A 104 4.90 -7.32 -4.07
CA VAL A 104 4.22 -6.59 -5.14
C VAL A 104 2.88 -6.09 -4.63
N MET A 105 2.22 -5.24 -5.43
CA MET A 105 0.85 -4.86 -5.16
C MET A 105 -0.01 -5.51 -6.23
N LEU A 106 -1.03 -6.24 -5.80
CA LEU A 106 -1.88 -6.96 -6.73
C LEU A 106 -3.33 -6.89 -6.28
N ASN A 107 -4.23 -7.32 -7.15
CA ASN A 107 -5.66 -7.22 -6.91
C ASN A 107 -6.18 -8.58 -6.47
N TYR A 108 -6.91 -8.60 -5.37
CA TYR A 108 -7.45 -9.82 -4.77
C TYR A 108 -8.72 -9.48 -4.04
N ASN A 109 -9.65 -10.42 -4.00
CA ASN A 109 -10.90 -10.26 -3.29
C ASN A 109 -10.94 -11.32 -2.20
N PRO A 110 -10.60 -10.99 -0.96
CA PRO A 110 -10.52 -12.04 0.06
C PRO A 110 -11.84 -12.75 0.32
N ASP A 111 -12.97 -12.07 0.12
CA ASP A 111 -14.28 -12.66 0.40
C ASP A 111 -14.82 -13.48 -0.76
N ASN A 112 -14.52 -13.08 -2.00
CA ASN A 112 -14.97 -13.78 -3.20
C ASN A 112 -13.75 -13.90 -4.10
N PRO A 113 -12.85 -14.86 -3.80
CA PRO A 113 -11.52 -14.83 -4.44
C PRO A 113 -11.51 -14.96 -5.95
N LYS A 114 -12.61 -15.39 -6.57
CA LYS A 114 -12.63 -15.46 -8.02
C LYS A 114 -12.90 -14.11 -8.66
N GLU A 115 -13.24 -13.09 -7.88
CA GLU A 115 -13.74 -11.84 -8.41
C GLU A 115 -12.72 -10.72 -8.20
N ARG A 116 -12.95 -9.63 -8.92
CA ARG A 116 -12.16 -8.42 -8.72
C ARG A 116 -12.33 -7.93 -7.30
N GLY A 117 -11.24 -7.46 -6.70
CA GLY A 117 -11.32 -6.92 -5.35
C GLY A 117 -10.53 -5.64 -5.20
N PHE A 118 -9.66 -5.63 -4.20
CA PHE A 118 -8.89 -4.45 -3.82
C PHE A 118 -7.40 -4.73 -4.00
N TRP A 119 -6.60 -3.67 -3.81
CA TRP A 119 -5.17 -3.70 -4.08
C TRP A 119 -4.40 -3.88 -2.78
N TYR A 120 -3.67 -4.98 -2.68
CA TYR A 120 -2.94 -5.34 -1.48
C TYR A 120 -1.49 -5.62 -1.78
N ASP A 121 -0.64 -5.41 -0.77
CA ASP A 121 0.70 -5.94 -0.83
C ASP A 121 0.63 -7.47 -0.77
N ALA A 122 1.56 -8.11 -1.46
CA ALA A 122 1.56 -9.57 -1.49
C ALA A 122 2.97 -10.06 -1.80
N GLU A 123 3.29 -11.24 -1.28
CA GLU A 123 4.55 -11.90 -1.58
C GLU A 123 4.26 -13.12 -2.45
N ILE A 124 4.79 -13.15 -3.66
CA ILE A 124 4.53 -14.28 -4.55
C ILE A 124 5.04 -15.56 -3.91
N SER A 125 4.17 -16.59 -3.89
CA SER A 125 4.49 -17.88 -3.28
C SER A 125 4.56 -19.02 -4.29
N ARG A 126 3.92 -18.86 -5.45
CA ARG A 126 4.00 -19.84 -6.52
C ARG A 126 3.94 -19.08 -7.82
N LYS A 127 4.72 -19.52 -8.81
CA LYS A 127 4.66 -18.93 -10.13
C LYS A 127 5.02 -20.04 -11.10
N ARG A 128 4.02 -20.50 -11.89
CA ARG A 128 4.23 -21.57 -12.83
C ARG A 128 3.29 -21.38 -13.99
N GLU A 129 3.78 -21.58 -15.19
CA GLU A 129 2.91 -21.64 -16.34
C GLU A 129 2.89 -23.08 -16.83
N THR A 130 1.69 -23.66 -16.94
CA THR A 130 1.49 -24.94 -17.58
C THR A 130 0.76 -24.73 -18.90
N ARG A 131 0.58 -25.82 -19.64
CA ARG A 131 -0.19 -25.74 -20.87
C ARG A 131 -1.59 -25.24 -20.60
N THR A 132 -2.12 -25.50 -19.40
CA THR A 132 -3.50 -25.19 -19.06
C THR A 132 -3.67 -23.83 -18.40
N ALA A 133 -2.68 -23.35 -17.64
CA ALA A 133 -2.91 -22.18 -16.81
C ALA A 133 -1.61 -21.49 -16.46
N ARG A 134 -1.71 -20.18 -16.26
CA ARG A 134 -0.65 -19.41 -15.62
C ARG A 134 -0.99 -19.31 -14.14
N GLU A 135 -0.24 -20.05 -13.32
CA GLU A 135 -0.53 -20.16 -11.90
C GLU A 135 0.29 -19.14 -11.13
N LEU A 136 -0.39 -18.27 -10.42
CA LEU A 136 0.24 -17.30 -9.56
C LEU A 136 -0.45 -17.39 -8.21
N TYR A 137 0.31 -17.67 -7.18
CA TYR A 137 -0.17 -17.66 -5.81
C TYR A 137 0.66 -16.67 -5.02
N ALA A 138 0.03 -16.10 -4.00
CA ALA A 138 0.75 -15.13 -3.20
C ALA A 138 0.19 -15.08 -1.78
N ASN A 139 1.07 -14.68 -0.87
CA ASN A 139 0.68 -14.40 0.50
C ASN A 139 0.16 -12.97 0.49
N VAL A 140 -1.13 -12.78 0.71
CA VAL A 140 -1.78 -11.49 0.46
C VAL A 140 -2.05 -10.75 1.77
N VAL A 141 -2.37 -9.44 1.68
CA VAL A 141 -2.59 -8.56 2.82
C VAL A 141 -1.39 -8.69 3.74
N LEU A 142 -0.18 -8.57 3.18
CA LEU A 142 1.04 -8.91 3.87
C LEU A 142 1.11 -8.07 5.13
N GLY A 143 1.47 -8.69 6.23
CA GLY A 143 1.45 -8.08 7.53
C GLY A 143 0.76 -9.00 8.52
N ASP A 144 0.20 -8.44 9.59
CA ASP A 144 -0.56 -9.24 10.54
C ASP A 144 -1.65 -10.03 9.82
N ASP A 145 -1.73 -11.32 10.13
CA ASP A 145 -2.82 -12.17 9.64
C ASP A 145 -2.93 -12.09 8.13
N SER A 146 -1.79 -12.12 7.44
CA SER A 146 -1.80 -12.23 5.98
C SER A 146 -2.50 -13.52 5.57
N LEU A 147 -3.02 -13.51 4.34
CA LEU A 147 -3.73 -14.66 3.78
C LEU A 147 -2.74 -15.43 2.92
N ASN A 148 -2.34 -16.61 3.39
CA ASN A 148 -1.19 -17.30 2.79
C ASN A 148 -1.60 -18.11 1.58
N ASP A 149 -0.77 -18.07 0.55
CA ASP A 149 -0.85 -18.96 -0.62
C ASP A 149 -2.22 -18.91 -1.28
N CYS A 150 -2.66 -17.70 -1.58
CA CYS A 150 -3.90 -17.44 -2.29
C CYS A 150 -3.67 -17.49 -3.79
N ARG A 151 -4.61 -18.13 -4.50
CA ARG A 151 -4.57 -18.09 -5.95
C ARG A 151 -4.96 -16.71 -6.46
N ILE A 152 -4.13 -16.13 -7.30
CA ILE A 152 -4.34 -14.78 -7.82
C ILE A 152 -4.92 -14.90 -9.23
N ILE A 153 -6.04 -14.22 -9.47
CA ILE A 153 -6.69 -14.24 -10.78
C ILE A 153 -6.01 -13.25 -11.73
N PHE A 154 -5.67 -12.06 -11.25
CA PHE A 154 -5.31 -10.93 -12.13
C PHE A 154 -3.81 -10.86 -12.32
N VAL A 155 -3.30 -11.85 -13.05
CA VAL A 155 -1.86 -12.07 -13.16
C VAL A 155 -1.16 -11.12 -14.11
N ASP A 156 -1.91 -10.34 -14.87
CA ASP A 156 -1.37 -9.36 -15.80
C ASP A 156 -1.47 -7.94 -15.24
N GLU A 157 -1.87 -7.83 -13.99
CA GLU A 157 -2.08 -6.54 -13.34
C GLU A 157 -1.34 -6.47 -12.02
N VAL A 158 -0.15 -7.04 -11.96
CA VAL A 158 0.67 -7.00 -10.75
C VAL A 158 1.60 -5.81 -10.85
N PHE A 159 1.57 -4.96 -9.82
CA PHE A 159 2.34 -3.73 -9.83
C PHE A 159 3.59 -3.83 -8.97
N LYS A 160 4.65 -3.21 -9.46
CA LYS A 160 5.82 -2.89 -8.64
C LYS A 160 5.42 -1.92 -7.55
N ILE A 161 5.97 -2.13 -6.37
CA ILE A 161 5.84 -1.19 -5.27
C ILE A 161 6.91 -0.11 -5.38
N GLU A 162 6.46 1.13 -5.38
CA GLU A 162 7.36 2.27 -5.42
C GLU A 162 7.99 2.50 -4.04
N ARG A 163 9.31 2.69 -4.04
CA ARG A 163 10.08 2.86 -2.81
C ARG A 163 11.08 3.99 -3.01
N PRO A 164 10.61 5.24 -3.06
CA PRO A 164 11.55 6.37 -3.22
C PRO A 164 12.34 6.66 -1.93
C01 RVV B . -4.56 0.24 -9.86
C02 RVV B . -3.86 1.09 -8.82
C03 RVV B . -4.22 1.04 -7.51
C04 RVV B . -3.56 1.83 -6.58
C06 RVV B . -2.19 2.70 -8.28
C07 RVV B . -2.84 1.91 -9.21
C08 RVV B . -3.96 1.79 -5.11
N05 RVV B . -2.54 2.65 -6.95
H013 RVV B . -5.40 -0.07 -9.51
H011 RVV B . -4.00 -0.51 -10.09
H012 RVV B . -4.73 0.77 -10.65
H031 RVV B . -4.92 0.47 -7.24
H061 RVV B . -1.50 3.26 -8.56
H071 RVV B . -2.59 1.94 -10.11
H082 RVV B . -3.41 2.39 -4.60
H081 RVV B . -3.85 0.89 -4.77
H083 RVV B . -4.90 2.06 -5.02
C01 RVV C . -14.21 0.67 -0.49
C02 RVV C . -13.27 1.02 0.66
C03 RVV C . -12.65 2.22 0.72
C04 RVV C . -11.79 2.50 1.81
C06 RVV C . -12.21 0.35 2.68
C07 RVV C . -13.05 0.07 1.63
C08 RVV C . -11.05 3.83 1.96
N05 RVV C . -11.57 1.58 2.77
H013 RVV C . -13.71 0.66 -1.32
H011 RVV C . -14.92 1.33 -0.54
H012 RVV C . -14.60 -0.21 -0.33
H031 RVV C . -12.78 2.86 0.06
H061 RVV C . -12.07 -0.29 3.34
H071 RVV C . -13.49 -0.75 1.58
H082 RVV C . -11.28 4.40 1.20
H081 RVV C . -10.10 3.68 1.98
H083 RVV C . -11.33 4.26 2.79
C2 BGC D . -12.14 7.09 11.47
C3 BGC D . -12.32 8.56 11.69
C4 BGC D . -11.11 9.20 12.30
C5 BGC D . -9.78 8.88 11.61
C6 BGC D . -8.65 9.46 12.42
C1 BGC D . -10.80 6.78 10.80
O1 BGC D . -10.61 5.44 10.73
O2 BGC D . -13.20 6.56 10.63
O3 BGC D . -13.44 8.77 12.62
O4 BGC D . -11.24 10.62 12.32
O5 BGC D . -9.63 7.42 11.51
O6 BGC D . -7.44 9.10 11.80
H2 BGC D . -12.18 6.66 12.33
H3 BGC D . -12.50 8.97 10.84
H4 BGC D . -11.07 8.86 13.21
H5 BGC D . -9.74 9.27 10.73
H61 BGC D . -8.68 9.11 13.32
H62 BGC D . -8.73 10.43 12.43
H1 BGC D . -10.83 7.14 9.89
HO1 BGC D . -10.40 5.22 9.93
HO2 BGC D . -13.50 5.84 10.96
HO3 BGC D . -14.00 9.28 12.26
HO4 BGC D . -12.05 10.84 12.13
HO6 BGC D . -6.80 9.17 12.36
#